data_6C1R
#
_entry.id   6C1R
#
_cell.length_a   58.411
_cell.length_b   52.608
_cell.length_c   83.865
_cell.angle_alpha   90.000
_cell.angle_beta   106.080
_cell.angle_gamma   90.000
#
_symmetry.space_group_name_H-M   'P 1 21 1'
#
loop_
_entity.id
_entity.type
_entity.pdbx_description
1 polymer 'Soluble cytochrome b562, C5a anaphylatoxin chemotactic receptor 1 chimera'
2 polymer PMX53
3 non-polymer avacopan
4 non-polymer 'MALONATE ION'
5 non-polymer 'SODIUM ION'
6 non-polymer 'TRIETHYLENE GLYCOL'
7 non-polymer '(2R)-2,3-dihydroxypropyl (9Z)-octadec-9-enoate'
8 non-polymer 'OLEIC ACID'
9 water water
#
loop_
_entity_poly.entity_id
_entity_poly.type
_entity_poly.pdbx_seq_one_letter_code
_entity_poly.pdbx_strand_id
1 'polypeptide(L)'
;DYKDDDDVDADLEDNWETLNDNLKVIEKADNAAQVKDALTKMRAAALDAQKATPPKLEDKSPDSPEMKDFRHGFDILVGQ
IDDALKLANEGKVKEAQAAAEQLKTTRNAYIQKYLSNTLRVPDILALVIFAVVFLVGVLGNALVVWVTAFEAKRTINAIW
FLNLAVADFLSCLALPILFTSIVQHHHWPFGGAACSILPSLILLNMYASILLLATISADRFLLVFKPIW(YCM)QNFRGA
GLAWIACAVAWGLALLLTIPSFLYRVVREEYFPPKVLCGVDYSHDKRRERAVAIVRLVLGFLWPLLTLTICYTFILLRTW
SRRATRSTKTLKVVVAVVASFFIFWLPYQVTGIMMSFLEPSSPTFLLLKKLDSLCVSFAYINCCINPIIYVVAGQGFQGR
LRKSLPSLLRNVLTEESVVRENLYFQ
;
B
2 'polypeptide(L)' (ACE)F(ORN)P(ZAL)WR L
#
# COMPACT_ATOMS: atom_id res chain seq x y z
N LEU A 12 -28.96 6.77 -4.90
CA LEU A 12 -28.80 8.08 -4.24
C LEU A 12 -27.36 8.31 -3.82
N GLU A 13 -26.77 7.34 -3.14
CA GLU A 13 -25.39 7.42 -2.71
C GLU A 13 -24.43 7.42 -3.90
N ASP A 14 -24.85 6.76 -4.98
CA ASP A 14 -24.04 6.69 -6.18
C ASP A 14 -24.09 8.01 -6.95
N ASN A 15 -25.26 8.65 -6.96
CA ASN A 15 -25.41 9.95 -7.59
C ASN A 15 -24.61 11.02 -6.86
N TRP A 16 -24.45 10.85 -5.55
CA TRP A 16 -23.72 11.81 -4.73
C TRP A 16 -22.23 11.79 -5.07
N GLU A 17 -21.72 10.60 -5.38
CA GLU A 17 -20.33 10.45 -5.79
C GLU A 17 -20.12 10.98 -7.20
N THR A 18 -21.18 10.89 -8.02
CA THR A 18 -21.15 11.43 -9.38
C THR A 18 -20.97 12.95 -9.34
N LEU A 19 -21.62 13.58 -8.37
CA LEU A 19 -21.52 15.03 -8.20
C LEU A 19 -20.11 15.43 -7.81
N ASN A 20 -19.56 14.75 -6.81
CA ASN A 20 -18.24 15.05 -6.30
C ASN A 20 -17.14 14.71 -7.31
N ASP A 21 -17.33 13.63 -8.06
CA ASP A 21 -16.36 13.23 -9.07
C ASP A 21 -16.24 14.28 -10.18
N ASN A 22 -17.38 14.74 -10.68
CA ASN A 22 -17.39 15.76 -11.72
C ASN A 22 -16.98 17.12 -11.15
N LEU A 23 -17.14 17.30 -9.85
CA LEU A 23 -16.73 18.53 -9.19
C LEU A 23 -15.22 18.65 -9.24
N LYS A 24 -14.54 17.52 -9.01
CA LYS A 24 -13.09 17.47 -9.09
C LYS A 24 -12.62 17.69 -10.53
N VAL A 25 -13.38 17.18 -11.48
CA VAL A 25 -13.11 17.37 -12.90
C VAL A 25 -13.10 18.84 -13.26
N ILE A 26 -14.09 19.58 -12.75
CA ILE A 26 -14.18 21.02 -12.97
C ILE A 26 -12.98 21.75 -12.35
N GLU A 27 -12.61 21.32 -11.15
CA GLU A 27 -11.47 21.90 -10.43
C GLU A 27 -10.17 21.78 -11.22
N LYS A 28 -10.02 20.66 -11.92
CA LYS A 28 -8.81 20.42 -12.73
C LYS A 28 -9.13 20.41 -14.21
N ALA A 29 -9.95 21.35 -14.65
CA ALA A 29 -10.38 21.43 -16.04
C ALA A 29 -9.50 22.40 -16.85
N ASP A 30 -9.30 22.07 -18.12
CA ASP A 30 -8.43 22.86 -18.99
C ASP A 30 -9.21 23.88 -19.80
N ASN A 31 -10.47 23.57 -20.11
CA ASN A 31 -11.29 24.48 -20.90
C ASN A 31 -12.77 24.43 -20.52
N ALA A 32 -13.56 25.27 -21.18
CA ALA A 32 -14.98 25.38 -20.91
C ALA A 32 -15.75 24.12 -21.31
N ALA A 33 -15.27 23.46 -22.36
CA ALA A 33 -15.91 22.25 -22.84
C ALA A 33 -15.97 21.16 -21.77
N GLN A 34 -14.85 20.96 -21.08
CA GLN A 34 -14.79 19.98 -20.01
C GLN A 34 -15.64 20.40 -18.81
N VAL A 35 -15.59 21.70 -18.49
CA VAL A 35 -16.42 22.23 -17.42
C VAL A 35 -17.90 22.01 -17.72
N LYS A 36 -18.31 22.34 -18.94
CA LYS A 36 -19.68 22.19 -19.39
C LYS A 36 -20.13 20.72 -19.36
N ASP A 37 -19.29 19.83 -19.86
CA ASP A 37 -19.60 18.40 -19.89
C ASP A 37 -19.79 17.86 -18.48
N ALA A 38 -18.86 18.23 -17.60
CA ALA A 38 -18.91 17.81 -16.20
C ALA A 38 -20.17 18.35 -15.52
N LEU A 39 -20.50 19.61 -15.79
CA LEU A 39 -21.67 20.25 -15.21
C LEU A 39 -22.98 19.64 -15.72
N THR A 40 -22.96 19.15 -16.95
CA THR A 40 -24.14 18.53 -17.53
C THR A 40 -24.44 17.22 -16.82
N LYS A 41 -23.37 16.46 -16.53
CA LYS A 41 -23.50 15.21 -15.82
C LYS A 41 -23.90 15.44 -14.36
N MET A 42 -23.46 16.55 -13.80
CA MET A 42 -23.84 16.91 -12.43
C MET A 42 -25.32 17.23 -12.35
N ARG A 43 -25.82 17.96 -13.34
CA ARG A 43 -27.23 18.33 -13.39
C ARG A 43 -28.12 17.08 -13.47
N ALA A 44 -27.74 16.16 -14.35
CA ALA A 44 -28.48 14.92 -14.53
C ALA A 44 -28.48 14.10 -13.24
N ALA A 45 -27.33 14.04 -12.59
CA ALA A 45 -27.18 13.28 -11.36
C ALA A 45 -27.94 13.93 -10.20
N ALA A 46 -28.04 15.25 -10.24
CA ALA A 46 -28.72 15.98 -9.18
C ALA A 46 -30.24 15.81 -9.28
N LEU A 47 -30.76 15.86 -10.50
CA LEU A 47 -32.18 15.67 -10.73
C LEU A 47 -32.58 14.21 -10.57
N ASP A 48 -31.65 13.31 -10.88
CA ASP A 48 -31.90 11.89 -10.72
C ASP A 48 -32.06 11.54 -9.24
N ALA A 49 -31.28 12.20 -8.40
CA ALA A 49 -31.35 11.99 -6.96
C ALA A 49 -32.64 12.59 -6.38
N LYS A 68 -39.34 17.00 0.53
CA LYS A 68 -39.61 18.42 0.31
C LYS A 68 -38.49 19.28 0.90
N ASP A 69 -37.91 18.85 2.01
CA ASP A 69 -36.72 19.53 2.50
C ASP A 69 -35.49 19.09 1.71
N PHE A 70 -35.43 17.81 1.31
CA PHE A 70 -34.32 17.35 0.49
C PHE A 70 -34.48 17.85 -0.95
N ARG A 71 -35.72 18.06 -1.39
CA ARG A 71 -35.98 18.55 -2.74
C ARG A 71 -35.46 19.97 -2.90
N HIS A 72 -35.65 20.78 -1.86
CA HIS A 72 -35.20 22.16 -1.86
C HIS A 72 -33.69 22.26 -2.02
N GLY A 73 -32.97 21.45 -1.26
CA GLY A 73 -31.51 21.43 -1.31
C GLY A 73 -31.00 21.09 -2.69
N PHE A 74 -31.55 20.03 -3.28
CA PHE A 74 -31.20 19.65 -4.65
C PHE A 74 -31.55 20.76 -5.63
N ASP A 75 -32.68 21.43 -5.36
CA ASP A 75 -33.14 22.54 -6.20
C ASP A 75 -32.15 23.70 -6.19
N ILE A 76 -31.65 24.03 -5.01
CA ILE A 76 -30.62 25.06 -4.86
C ILE A 76 -29.34 24.63 -5.56
N LEU A 77 -29.08 23.33 -5.54
CA LEU A 77 -27.90 22.77 -6.18
C LEU A 77 -27.98 22.88 -7.70
N VAL A 78 -29.13 22.49 -8.26
CA VAL A 78 -29.35 22.51 -9.70
C VAL A 78 -29.25 23.92 -10.26
N GLY A 79 -29.88 24.88 -9.59
CA GLY A 79 -29.81 26.27 -10.00
C GLY A 79 -28.38 26.78 -10.04
N GLN A 80 -27.58 26.41 -9.05
CA GLN A 80 -26.17 26.76 -9.01
C GLN A 80 -25.39 26.11 -10.14
N ILE A 81 -25.82 24.91 -10.53
CA ILE A 81 -25.23 24.22 -11.66
C ILE A 81 -25.55 24.96 -12.95
N ASP A 82 -26.80 25.38 -13.09
CA ASP A 82 -27.23 26.16 -14.26
C ASP A 82 -26.52 27.50 -14.33
N ASP A 83 -26.29 28.12 -13.18
CA ASP A 83 -25.51 29.36 -13.12
C ASP A 83 -24.10 29.13 -13.67
N ALA A 84 -23.44 28.09 -13.15
CA ALA A 84 -22.12 27.73 -13.62
C ALA A 84 -22.16 27.30 -15.09
N LEU A 85 -23.23 26.60 -15.46
CA LEU A 85 -23.39 26.09 -16.82
C LEU A 85 -23.56 27.23 -17.81
N LYS A 86 -24.27 28.28 -17.40
CA LYS A 86 -24.41 29.48 -18.21
C LYS A 86 -23.07 30.15 -18.47
N LEU A 87 -22.25 30.25 -17.43
CA LEU A 87 -20.92 30.84 -17.56
C LEU A 87 -20.03 30.03 -18.48
N ALA A 88 -20.06 28.71 -18.32
CA ALA A 88 -19.25 27.82 -19.16
C ALA A 88 -19.70 27.90 -20.62
N ASN A 89 -21.01 27.97 -20.84
CA ASN A 89 -21.55 28.14 -22.18
C ASN A 89 -21.13 29.46 -22.83
N GLU A 90 -20.90 30.47 -22.01
CA GLU A 90 -20.43 31.77 -22.51
C GLU A 90 -18.95 31.69 -22.85
N GLY A 91 -18.27 30.67 -22.32
CA GLY A 91 -16.86 30.48 -22.55
C GLY A 91 -15.98 30.97 -21.42
N LYS A 92 -16.61 31.37 -20.32
CA LYS A 92 -15.87 31.90 -19.18
C LYS A 92 -15.49 30.77 -18.22
N VAL A 93 -14.33 30.17 -18.44
CA VAL A 93 -13.90 28.99 -17.69
C VAL A 93 -13.65 29.28 -16.22
N LYS A 94 -12.85 30.31 -15.94
CA LYS A 94 -12.49 30.63 -14.56
C LYS A 94 -13.71 31.01 -13.72
N GLU A 95 -14.61 31.79 -14.32
CA GLU A 95 -15.81 32.24 -13.62
C GLU A 95 -16.76 31.07 -13.36
N ALA A 96 -16.83 30.15 -14.31
CA ALA A 96 -17.64 28.95 -14.15
C ALA A 96 -17.10 28.05 -13.05
N GLN A 97 -15.78 27.94 -12.94
CA GLN A 97 -15.15 27.13 -11.91
C GLN A 97 -15.38 27.72 -10.52
N ALA A 98 -15.44 29.05 -10.45
CA ALA A 98 -15.72 29.73 -9.20
C ALA A 98 -17.13 29.42 -8.73
N ALA A 99 -18.07 29.44 -9.66
CA ALA A 99 -19.46 29.14 -9.36
C ALA A 99 -19.64 27.68 -8.96
N ALA A 100 -18.74 26.83 -9.43
CA ALA A 100 -18.78 25.42 -9.09
C ALA A 100 -18.21 25.18 -7.69
N GLU A 101 -17.30 26.06 -7.27
CA GLU A 101 -16.71 25.97 -5.94
C GLU A 101 -17.73 26.38 -4.88
N GLN A 102 -18.57 27.35 -5.23
CA GLN A 102 -19.66 27.79 -4.36
C GLN A 102 -20.69 26.68 -4.18
N LEU A 103 -20.71 25.73 -5.11
CA LEU A 103 -21.63 24.61 -5.08
C LEU A 103 -21.28 23.67 -3.92
N LYS A 104 -20.01 23.69 -3.53
CA LYS A 104 -19.56 22.86 -2.42
C LYS A 104 -20.06 23.38 -1.09
N THR A 105 -20.25 24.70 -1.01
CA THR A 105 -20.78 25.35 0.18
C THR A 105 -22.23 24.92 0.42
N THR A 106 -22.95 24.69 -0.69
CA THR A 106 -24.34 24.26 -0.63
C THR A 106 -24.45 22.79 -0.20
N ARG A 107 -23.43 22.00 -0.56
CA ARG A 107 -23.44 20.56 -0.29
C ARG A 107 -23.50 20.24 1.20
N ASN A 108 -22.89 21.09 2.02
CA ASN A 108 -22.90 20.91 3.48
C ASN A 108 -24.31 20.98 4.04
N ALA A 109 -25.16 21.79 3.40
CA ALA A 109 -26.56 21.91 3.79
C ALA A 109 -27.38 20.69 3.34
N TYR A 110 -26.76 19.87 2.48
CA TYR A 110 -27.41 18.66 2.00
C TYR A 110 -27.07 17.46 2.88
N SER A 116 -26.35 10.10 5.15
CA SER A 116 -25.92 8.72 5.35
C SER A 116 -24.42 8.56 5.08
N ASN A 117 -23.61 9.06 6.01
CA ASN A 117 -22.16 9.03 5.86
C ASN A 117 -21.57 7.63 5.98
N THR A 118 -21.80 6.82 4.95
CA THR A 118 -21.27 5.46 4.92
C THR A 118 -20.00 5.39 4.06
N LEU A 119 -19.12 4.44 4.39
CA LEU A 119 -17.84 4.32 3.68
C LEU A 119 -17.99 3.60 2.34
N ARG A 120 -17.10 3.93 1.41
CA ARG A 120 -17.01 3.25 0.13
C ARG A 120 -16.77 1.75 0.31
N VAL A 121 -17.24 0.97 -0.65
CA VAL A 121 -16.98 -0.48 -0.65
C VAL A 121 -15.47 -0.82 -0.55
N PRO A 122 -14.61 -0.18 -1.37
CA PRO A 122 -13.18 -0.54 -1.25
C PRO A 122 -12.58 -0.19 0.11
N ASP A 123 -13.03 0.89 0.73
CA ASP A 123 -12.52 1.27 2.04
C ASP A 123 -12.96 0.26 3.10
N ILE A 124 -14.18 -0.24 2.97
CA ILE A 124 -14.70 -1.20 3.94
C ILE A 124 -13.94 -2.52 3.87
N LEU A 125 -13.66 -3.00 2.66
CA LEU A 125 -12.85 -4.19 2.48
C LEU A 125 -11.44 -3.98 3.04
N ALA A 126 -10.90 -2.79 2.84
CA ALA A 126 -9.59 -2.43 3.39
C ALA A 126 -9.57 -2.57 4.91
N LEU A 127 -10.65 -2.12 5.55
CA LEU A 127 -10.81 -2.23 7.00
C LEU A 127 -10.80 -3.69 7.47
N VAL A 128 -11.59 -4.53 6.80
CA VAL A 128 -11.66 -5.94 7.15
C VAL A 128 -10.29 -6.60 7.05
N ILE A 129 -9.59 -6.34 5.96
CA ILE A 129 -8.26 -6.89 5.71
C ILE A 129 -7.26 -6.38 6.74
N PHE A 130 -7.24 -5.07 6.93
CA PHE A 130 -6.45 -4.42 7.98
C PHE A 130 -6.60 -5.10 9.34
N ALA A 131 -7.84 -5.37 9.71
CA ALA A 131 -8.11 -5.96 11.02
C ALA A 131 -7.50 -7.36 11.13
N VAL A 132 -7.77 -8.20 10.15
CA VAL A 132 -7.25 -9.56 10.15
C VAL A 132 -5.73 -9.58 10.14
N VAL A 133 -5.13 -8.77 9.28
CA VAL A 133 -3.68 -8.69 9.18
C VAL A 133 -3.06 -8.24 10.51
N PHE A 134 -3.69 -7.28 11.17
CA PHE A 134 -3.20 -6.81 12.46
C PHE A 134 -3.20 -7.92 13.53
N LEU A 135 -4.30 -8.65 13.65
CA LEU A 135 -4.41 -9.65 14.70
C LEU A 135 -3.45 -10.82 14.43
N VAL A 136 -3.48 -11.32 13.20
CA VAL A 136 -2.63 -12.44 12.81
C VAL A 136 -1.15 -12.04 12.78
N GLY A 137 -0.88 -10.84 12.29
CA GLY A 137 0.49 -10.39 12.12
C GLY A 137 1.20 -10.04 13.42
N VAL A 138 0.48 -9.39 14.33
CA VAL A 138 1.08 -9.02 15.60
C VAL A 138 1.38 -10.26 16.45
N LEU A 139 0.38 -11.13 16.61
CA LEU A 139 0.57 -12.35 17.40
C LEU A 139 1.49 -13.35 16.69
N GLY A 140 1.30 -13.49 15.38
CA GLY A 140 2.08 -14.44 14.61
C GLY A 140 3.57 -14.13 14.57
N ASN A 141 3.91 -12.88 14.25
CA ASN A 141 5.31 -12.48 14.15
C ASN A 141 5.97 -12.26 15.51
N ALA A 142 5.19 -11.89 16.52
CA ALA A 142 5.71 -11.83 17.88
C ALA A 142 6.18 -13.22 18.29
N LEU A 143 5.38 -14.22 17.93
CA LEU A 143 5.72 -15.62 18.25
C LEU A 143 6.96 -16.07 17.49
N VAL A 144 7.09 -15.63 16.24
CA VAL A 144 8.27 -15.97 15.46
C VAL A 144 9.53 -15.35 16.06
N VAL A 145 9.47 -14.05 16.34
CA VAL A 145 10.59 -13.34 16.95
C VAL A 145 11.01 -14.05 18.23
N TRP A 146 10.03 -14.45 19.04
CA TRP A 146 10.26 -15.20 20.27
C TRP A 146 11.02 -16.51 20.02
N VAL A 147 10.52 -17.31 19.08
CA VAL A 147 11.11 -18.59 18.75
C VAL A 147 12.52 -18.46 18.19
N THR A 148 12.69 -17.55 17.22
CA THR A 148 13.98 -17.42 16.53
C THR A 148 15.03 -16.67 17.36
N ALA A 149 14.58 -15.85 18.31
CA ALA A 149 15.51 -15.10 19.16
C ALA A 149 16.47 -16.01 19.92
N PHE A 150 15.95 -17.15 20.40
CA PHE A 150 16.75 -18.09 21.17
C PHE A 150 17.82 -18.77 20.32
N GLU A 151 17.49 -19.08 19.08
CA GLU A 151 18.42 -19.82 18.23
C GLU A 151 19.25 -18.88 17.36
N ALA A 152 19.05 -17.58 17.56
CA ALA A 152 19.63 -16.56 16.69
C ALA A 152 21.16 -16.58 16.70
N LYS A 153 21.75 -17.00 17.81
CA LYS A 153 23.20 -17.10 17.87
C LYS A 153 23.66 -18.55 17.66
N ARG A 154 22.71 -19.44 17.42
CA ARG A 154 23.03 -20.85 17.21
C ARG A 154 22.83 -21.26 15.74
N THR A 155 21.93 -20.56 15.04
CA THR A 155 21.63 -20.89 13.65
C THR A 155 21.42 -19.66 12.77
N ILE A 156 21.98 -19.70 11.56
CA ILE A 156 21.81 -18.65 10.56
C ILE A 156 20.35 -18.44 10.16
N ASN A 157 19.61 -19.53 10.00
CA ASN A 157 18.21 -19.44 9.59
C ASN A 157 17.37 -18.64 10.58
N ALA A 158 17.66 -18.82 11.88
CA ALA A 158 16.96 -18.07 12.92
C ALA A 158 17.15 -16.56 12.74
N ILE A 159 18.36 -16.16 12.33
CA ILE A 159 18.65 -14.74 12.09
C ILE A 159 17.81 -14.21 10.92
N TRP A 160 17.73 -14.97 9.84
CA TRP A 160 16.94 -14.58 8.69
C TRP A 160 15.46 -14.40 9.07
N PHE A 161 14.89 -15.42 9.69
CA PHE A 161 13.46 -15.41 9.98
C PHE A 161 13.10 -14.40 11.06
N LEU A 162 14.01 -14.21 12.02
CA LEU A 162 13.87 -13.16 13.02
C LEU A 162 13.70 -11.79 12.36
N ASN A 163 14.61 -11.45 11.46
CA ASN A 163 14.60 -10.15 10.80
C ASN A 163 13.35 -9.91 9.95
N LEU A 164 12.85 -10.95 9.29
CA LEU A 164 11.63 -10.84 8.48
C LEU A 164 10.43 -10.57 9.37
N ALA A 165 10.40 -11.24 10.52
CA ALA A 165 9.31 -11.09 11.47
C ALA A 165 9.30 -9.68 12.09
N VAL A 166 10.48 -9.19 12.46
CA VAL A 166 10.60 -7.84 13.04
C VAL A 166 10.09 -6.78 12.06
N ALA A 167 10.47 -6.91 10.80
CA ALA A 167 10.00 -6.00 9.76
C ALA A 167 8.47 -6.08 9.62
N ASP A 168 7.92 -7.29 9.69
CA ASP A 168 6.47 -7.48 9.57
C ASP A 168 5.70 -6.98 10.80
N PHE A 169 6.23 -7.27 11.98
CA PHE A 169 5.63 -6.80 13.24
C PHE A 169 5.56 -5.27 13.26
N LEU A 170 6.69 -4.62 13.04
CA LEU A 170 6.78 -3.17 13.06
C LEU A 170 5.78 -2.52 12.09
N SER A 171 5.63 -3.11 10.92
CA SER A 171 4.71 -2.62 9.91
C SER A 171 3.26 -2.67 10.41
N CYS A 172 2.93 -3.76 11.13
CA CYS A 172 1.59 -3.97 11.67
C CYS A 172 1.19 -2.95 12.74
N LEU A 173 2.18 -2.33 13.37
CA LEU A 173 1.92 -1.40 14.45
C LEU A 173 1.20 -0.13 13.97
N ALA A 174 1.37 0.18 12.69
CA ALA A 174 0.72 1.34 12.08
C ALA A 174 -0.77 1.10 11.87
N LEU A 175 -1.15 -0.17 11.72
CA LEU A 175 -2.51 -0.54 11.29
C LEU A 175 -3.69 0.04 12.09
N PRO A 176 -3.61 0.03 13.44
CA PRO A 176 -4.73 0.61 14.21
C PRO A 176 -5.02 2.08 13.87
N ILE A 177 -3.97 2.86 13.64
CA ILE A 177 -4.13 4.27 13.33
C ILE A 177 -4.61 4.50 11.90
N LEU A 178 -4.13 3.67 10.98
CA LEU A 178 -4.63 3.71 9.61
C LEU A 178 -6.10 3.32 9.58
N PHE A 179 -6.42 2.22 10.28
CA PHE A 179 -7.79 1.76 10.46
C PHE A 179 -8.71 2.89 10.94
N THR A 180 -8.30 3.54 12.03
CA THR A 180 -9.07 4.61 12.65
C THR A 180 -9.38 5.75 11.68
N SER A 181 -8.36 6.16 10.93
CA SER A 181 -8.50 7.27 10.01
C SER A 181 -9.51 6.96 8.90
N ILE A 182 -9.47 5.74 8.39
CA ILE A 182 -10.42 5.31 7.37
C ILE A 182 -11.83 5.26 7.96
N VAL A 183 -11.93 4.82 9.21
CA VAL A 183 -13.22 4.78 9.89
C VAL A 183 -13.80 6.19 10.02
N GLN A 184 -12.91 7.16 10.24
CA GLN A 184 -13.33 8.54 10.38
C GLN A 184 -13.31 9.28 9.03
N HIS A 185 -13.57 8.54 7.96
CA HIS A 185 -13.63 9.08 6.60
C HIS A 185 -12.37 9.86 6.23
N HIS A 186 -11.21 9.23 6.42
CA HIS A 186 -9.90 9.75 6.06
C HIS A 186 -9.44 10.92 6.93
N HIS A 187 -10.21 11.30 7.94
CA HIS A 187 -9.77 12.36 8.84
C HIS A 187 -8.52 11.91 9.58
N TRP A 188 -7.52 12.80 9.63
CA TRP A 188 -6.24 12.50 10.27
C TRP A 188 -5.96 13.44 11.43
N PRO A 189 -6.27 13.00 12.67
CA PRO A 189 -6.06 13.84 13.85
C PRO A 189 -4.77 13.51 14.61
N PHE A 190 -3.81 12.87 13.95
CA PHE A 190 -2.64 12.35 14.67
C PHE A 190 -1.40 13.21 14.49
N GLY A 191 -1.50 14.26 13.70
CA GLY A 191 -0.40 15.19 13.51
C GLY A 191 0.46 14.92 12.29
N GLY A 192 1.35 15.86 12.00
CA GLY A 192 2.20 15.78 10.82
C GLY A 192 3.23 14.68 10.91
N ALA A 193 3.82 14.53 12.09
CA ALA A 193 4.87 13.54 12.33
C ALA A 193 4.38 12.12 12.07
N ALA A 194 3.23 11.78 12.65
CA ALA A 194 2.63 10.48 12.45
C ALA A 194 2.21 10.28 11.00
N CYS A 195 1.79 11.37 10.35
CA CYS A 195 1.38 11.31 8.95
C CYS A 195 2.57 11.00 8.04
N SER A 196 3.76 11.44 8.44
CA SER A 196 4.96 11.14 7.66
C SER A 196 5.44 9.70 7.89
N ILE A 197 5.33 9.23 9.13
CA ILE A 197 5.94 7.97 9.54
C ILE A 197 5.07 6.74 9.35
N LEU A 198 3.90 6.74 9.98
CA LEU A 198 3.05 5.55 10.00
C LEU A 198 2.64 5.03 8.60
N PRO A 199 2.18 5.92 7.69
CA PRO A 199 1.87 5.38 6.36
C PRO A 199 3.13 4.94 5.59
N SER A 200 4.30 5.35 6.06
CA SER A 200 5.56 4.99 5.42
C SER A 200 6.07 3.61 5.82
N LEU A 201 5.54 3.06 6.92
CA LEU A 201 6.07 1.80 7.43
C LEU A 201 5.77 0.62 6.49
N ILE A 202 4.74 0.72 5.67
CA ILE A 202 4.43 -0.36 4.74
C ILE A 202 5.45 -0.36 3.60
N LEU A 203 5.93 0.83 3.23
CA LEU A 203 6.93 0.94 2.17
C LEU A 203 8.30 0.50 2.68
N LEU A 204 8.62 0.88 3.91
CA LEU A 204 9.82 0.40 4.59
C LEU A 204 9.81 -1.13 4.61
N ASN A 205 8.66 -1.69 4.94
CA ASN A 205 8.49 -3.12 4.97
C ASN A 205 8.74 -3.74 3.59
N MET A 206 8.37 -3.02 2.54
CA MET A 206 8.54 -3.52 1.19
C MET A 206 10.02 -3.70 0.84
N TYR A 207 10.79 -2.65 1.09
CA TYR A 207 12.22 -2.67 0.78
C TYR A 207 13.00 -3.55 1.76
N ALA A 208 12.62 -3.52 3.03
CA ALA A 208 13.31 -4.34 4.04
C ALA A 208 13.07 -5.81 3.76
N SER A 209 11.81 -6.19 3.55
CA SER A 209 11.48 -7.57 3.23
C SER A 209 12.25 -8.08 2.01
N ILE A 210 12.23 -7.30 0.93
CA ILE A 210 12.78 -7.80 -0.33
C ILE A 210 14.32 -7.84 -0.30
N LEU A 211 14.93 -6.93 0.46
CA LEU A 211 16.38 -6.94 0.64
C LEU A 211 16.81 -8.12 1.54
N LEU A 212 16.01 -8.41 2.55
CA LEU A 212 16.27 -9.56 3.40
C LEU A 212 16.10 -10.84 2.58
N LEU A 213 15.02 -10.91 1.81
CA LEU A 213 14.77 -12.07 0.94
C LEU A 213 15.88 -12.22 -0.08
N ALA A 214 16.40 -11.11 -0.58
CA ALA A 214 17.55 -11.16 -1.50
C ALA A 214 18.77 -11.76 -0.79
N THR A 215 18.97 -11.41 0.48
CA THR A 215 20.10 -11.93 1.24
C THR A 215 19.92 -13.40 1.57
N ILE A 216 18.72 -13.74 2.02
CA ILE A 216 18.37 -15.13 2.29
C ILE A 216 18.54 -15.98 1.03
N SER A 217 18.13 -15.43 -0.12
CA SER A 217 18.19 -16.16 -1.38
C SER A 217 19.64 -16.38 -1.81
N ALA A 218 20.49 -15.38 -1.56
CA ALA A 218 21.91 -15.51 -1.86
C ALA A 218 22.52 -16.61 -1.01
N ASP A 219 22.13 -16.66 0.27
CA ASP A 219 22.56 -17.71 1.18
C ASP A 219 22.11 -19.08 0.67
N ARG A 220 20.83 -19.20 0.27
CA ARG A 220 20.32 -20.47 -0.24
C ARG A 220 21.08 -20.90 -1.49
N PHE A 221 21.31 -19.94 -2.38
CA PHE A 221 22.06 -20.19 -3.60
C PHE A 221 23.47 -20.75 -3.29
N LEU A 222 24.16 -20.12 -2.35
CA LEU A 222 25.54 -20.52 -2.03
C LEU A 222 25.60 -21.89 -1.36
N LEU A 223 24.65 -22.18 -0.47
CA LEU A 223 24.58 -23.50 0.17
C LEU A 223 24.53 -24.64 -0.85
N VAL A 224 23.90 -24.36 -1.99
CA VAL A 224 23.69 -25.37 -3.03
C VAL A 224 24.82 -25.40 -4.06
N PHE A 225 25.29 -24.23 -4.47
CA PHE A 225 26.24 -24.16 -5.59
C PHE A 225 27.68 -23.85 -5.18
N LYS A 226 27.86 -23.22 -4.02
CA LYS A 226 29.20 -22.90 -3.54
C LYS A 226 29.37 -23.26 -2.06
N PRO A 227 29.18 -24.54 -1.71
CA PRO A 227 29.16 -24.93 -0.30
C PRO A 227 30.51 -24.74 0.40
N ILE A 228 31.59 -24.69 -0.38
CA ILE A 228 32.92 -24.44 0.16
C ILE A 228 33.02 -23.00 0.68
N TRP A 229 32.39 -22.07 -0.04
CA TRP A 229 32.30 -20.69 0.41
C TRP A 229 31.62 -20.64 1.77
N GLN A 231 31.41 -22.95 4.06
CA GLN A 231 32.22 -23.56 5.12
C GLN A 231 33.33 -22.61 5.57
N ASN A 232 33.79 -21.76 4.65
CA ASN A 232 34.84 -20.79 4.96
C ASN A 232 34.31 -19.49 5.54
N PHE A 233 33.20 -19.01 4.98
CA PHE A 233 32.65 -17.69 5.29
C PHE A 233 31.46 -17.70 6.25
N ARG A 234 30.38 -18.33 5.80
CA ARG A 234 29.08 -18.33 6.49
C ARG A 234 29.18 -18.46 8.01
N GLY A 235 28.86 -17.37 8.69
CA GLY A 235 28.84 -17.33 10.14
C GLY A 235 27.75 -16.39 10.58
N ALA A 236 27.46 -16.36 11.87
CA ALA A 236 26.40 -15.50 12.39
C ALA A 236 26.77 -14.03 12.20
N GLY A 237 28.06 -13.72 12.31
CA GLY A 237 28.56 -12.36 12.21
C GLY A 237 28.30 -11.70 10.87
N LEU A 238 28.57 -12.41 9.78
CA LEU A 238 28.30 -11.89 8.45
C LEU A 238 26.81 -11.75 8.19
N ALA A 239 26.02 -12.67 8.72
CA ALA A 239 24.58 -12.65 8.54
C ALA A 239 23.97 -11.40 9.18
N TRP A 240 24.46 -11.05 10.38
CA TRP A 240 23.99 -9.85 11.08
C TRP A 240 24.42 -8.56 10.40
N ILE A 241 25.61 -8.56 9.79
CA ILE A 241 26.06 -7.41 9.02
C ILE A 241 25.20 -7.24 7.76
N ALA A 242 24.95 -8.34 7.04
CA ALA A 242 24.11 -8.28 5.85
C ALA A 242 22.71 -7.75 6.22
N CYS A 243 22.18 -8.20 7.35
CA CYS A 243 20.88 -7.72 7.83
C CYS A 243 20.91 -6.21 8.16
N ALA A 244 22.01 -5.75 8.75
CA ALA A 244 22.16 -4.34 9.09
C ALA A 244 22.13 -3.48 7.83
N VAL A 245 22.90 -3.87 6.84
CA VAL A 245 22.94 -3.20 5.55
C VAL A 245 21.57 -3.22 4.88
N ALA A 246 20.90 -4.38 4.91
CA ALA A 246 19.57 -4.50 4.32
C ALA A 246 18.59 -3.52 4.98
N TRP A 247 18.60 -3.46 6.31
CA TRP A 247 17.78 -2.50 7.03
C TRP A 247 18.14 -1.06 6.69
N GLY A 248 19.43 -0.77 6.60
CA GLY A 248 19.90 0.58 6.32
C GLY A 248 19.48 1.03 4.94
N LEU A 249 19.66 0.16 3.97
CA LEU A 249 19.32 0.43 2.58
C LEU A 249 17.82 0.64 2.41
N ALA A 250 17.04 -0.19 3.09
CA ALA A 250 15.59 -0.06 3.10
C ALA A 250 15.19 1.31 3.61
N LEU A 251 15.82 1.75 4.69
CA LEU A 251 15.50 3.04 5.27
C LEU A 251 15.78 4.15 4.26
N LEU A 252 16.94 4.10 3.63
CA LEU A 252 17.32 5.10 2.64
C LEU A 252 16.36 5.13 1.45
N LEU A 253 15.84 3.97 1.07
CA LEU A 253 14.91 3.89 -0.06
C LEU A 253 13.53 4.45 0.29
N THR A 254 13.28 4.58 1.59
CA THR A 254 11.97 5.00 2.08
C THR A 254 11.88 6.51 2.33
N ILE A 255 13.03 7.13 2.64
CA ILE A 255 13.08 8.57 2.95
C ILE A 255 12.47 9.49 1.87
N PRO A 256 12.80 9.30 0.57
CA PRO A 256 12.23 10.22 -0.43
C PRO A 256 10.70 10.34 -0.39
N SER A 257 9.99 9.21 -0.25
CA SER A 257 8.54 9.26 -0.21
C SER A 257 8.08 9.81 1.13
N PHE A 258 8.80 9.43 2.19
CA PHE A 258 8.57 9.96 3.53
C PHE A 258 8.54 11.49 3.52
N LEU A 259 9.47 12.10 2.80
CA LEU A 259 9.59 13.56 2.80
C LEU A 259 8.45 14.25 2.03
N TYR A 260 7.77 13.50 1.18
CA TYR A 260 6.71 14.09 0.37
C TYR A 260 5.30 13.89 0.96
N ARG A 261 5.24 13.34 2.17
CA ARG A 261 3.96 13.22 2.87
C ARG A 261 3.66 14.51 3.63
N VAL A 262 2.43 14.98 3.49
CA VAL A 262 2.00 16.19 4.20
C VAL A 262 0.58 16.01 4.72
N VAL A 263 0.21 16.81 5.72
CA VAL A 263 -1.20 16.90 6.08
C VAL A 263 -1.81 18.10 5.36
N ARG A 264 -3.12 18.04 5.14
CA ARG A 264 -3.83 19.05 4.38
C ARG A 264 -5.18 19.28 5.03
N GLU A 265 -5.49 20.54 5.35
CA GLU A 265 -6.75 20.84 6.03
C GLU A 265 -7.87 21.12 5.01
N GLU A 266 -9.00 20.46 5.22
CA GLU A 266 -10.17 20.57 4.34
C GLU A 266 -11.23 21.44 5.04
N TYR A 267 -12.25 21.88 4.30
CA TYR A 267 -13.23 22.80 4.87
C TYR A 267 -14.71 22.45 4.62
N PHE A 268 -14.98 21.58 3.65
CA PHE A 268 -16.36 21.22 3.34
C PHE A 268 -16.53 19.76 2.92
N PRO A 269 -16.72 18.86 3.89
CA PRO A 269 -16.77 19.14 5.33
C PRO A 269 -15.36 19.35 5.90
N PRO A 270 -15.24 20.16 6.96
CA PRO A 270 -13.91 20.41 7.52
C PRO A 270 -13.26 19.16 8.10
N LYS A 271 -12.02 18.89 7.70
CA LYS A 271 -11.22 17.85 8.32
C LYS A 271 -9.75 18.00 7.94
N VAL A 272 -8.94 17.09 8.47
CA VAL A 272 -7.52 17.05 8.17
C VAL A 272 -7.19 15.75 7.45
N LEU A 273 -6.64 15.86 6.25
CA LEU A 273 -6.23 14.70 5.48
C LEU A 273 -4.72 14.49 5.57
N CYS A 274 -4.31 13.23 5.51
CA CYS A 274 -2.90 12.85 5.46
C CYS A 274 -2.63 12.17 4.12
N GLY A 275 -1.63 12.64 3.39
CA GLY A 275 -1.40 12.12 2.05
C GLY A 275 -0.07 12.46 1.43
N VAL A 276 0.03 12.27 0.11
CA VAL A 276 1.23 12.60 -0.63
C VAL A 276 1.02 13.90 -1.40
N ASP A 277 2.09 14.64 -1.64
CA ASP A 277 1.99 15.91 -2.34
C ASP A 277 3.05 16.08 -3.43
N TYR A 278 2.70 15.71 -4.65
CA TYR A 278 3.54 15.97 -5.80
C TYR A 278 2.90 17.04 -6.68
N SER A 279 2.28 18.03 -6.04
CA SER A 279 1.59 19.10 -6.76
C SER A 279 2.60 19.94 -7.55
N HIS A 280 2.22 20.27 -8.78
CA HIS A 280 3.08 21.01 -9.70
C HIS A 280 4.38 20.24 -9.98
N ASP A 281 4.30 18.92 -9.87
CA ASP A 281 5.44 18.08 -10.19
C ASP A 281 4.96 16.70 -10.64
N LYS A 282 4.23 16.68 -11.75
CA LYS A 282 3.69 15.45 -12.29
C LYS A 282 4.80 14.54 -12.80
N ARG A 283 5.94 15.14 -13.15
CA ARG A 283 7.09 14.37 -13.63
C ARG A 283 7.71 13.56 -12.50
N ARG A 284 7.70 14.13 -11.29
CA ARG A 284 8.29 13.45 -10.14
C ARG A 284 7.40 12.30 -9.68
N GLU A 285 6.10 12.56 -9.66
CA GLU A 285 5.12 11.54 -9.32
C GLU A 285 5.31 10.30 -10.20
N ARG A 286 5.45 10.54 -11.50
CA ARG A 286 5.68 9.47 -12.47
C ARG A 286 7.04 8.80 -12.24
N ALA A 287 8.03 9.61 -11.88
CA ALA A 287 9.37 9.11 -11.65
C ALA A 287 9.42 8.21 -10.43
N VAL A 288 8.74 8.63 -9.36
CA VAL A 288 8.68 7.85 -8.14
C VAL A 288 7.96 6.53 -8.38
N ALA A 289 6.85 6.59 -9.11
CA ALA A 289 6.06 5.41 -9.39
C ALA A 289 6.87 4.37 -10.14
N ILE A 290 7.65 4.84 -11.13
CA ILE A 290 8.45 3.95 -11.96
C ILE A 290 9.59 3.30 -11.18
N VAL A 291 10.28 4.11 -10.39
CA VAL A 291 11.39 3.60 -9.59
C VAL A 291 10.91 2.59 -8.57
N ARG A 292 9.75 2.84 -7.98
CA ARG A 292 9.13 1.94 -7.03
C ARG A 292 8.73 0.63 -7.72
N LEU A 293 8.31 0.74 -8.97
CA LEU A 293 7.95 -0.44 -9.73
C LEU A 293 9.20 -1.28 -9.98
N VAL A 294 10.28 -0.63 -10.38
CA VAL A 294 11.49 -1.35 -10.73
C VAL A 294 12.21 -1.93 -9.50
N LEU A 295 12.57 -1.06 -8.55
CA LEU A 295 13.35 -1.50 -7.40
C LEU A 295 12.54 -2.38 -6.45
N GLY A 296 11.24 -2.09 -6.35
CA GLY A 296 10.37 -2.75 -5.41
C GLY A 296 9.67 -3.99 -5.95
N PHE A 297 9.66 -4.18 -7.26
CA PHE A 297 8.92 -5.30 -7.86
C PHE A 297 9.66 -5.98 -9.00
N LEU A 298 9.92 -5.25 -10.08
CA LEU A 298 10.42 -5.87 -11.31
C LEU A 298 11.83 -6.45 -11.20
N TRP A 299 12.76 -5.66 -10.69
CA TRP A 299 14.14 -6.11 -10.53
C TRP A 299 14.27 -7.27 -9.50
N PRO A 300 13.54 -7.21 -8.38
CA PRO A 300 13.54 -8.40 -7.51
C PRO A 300 12.88 -9.63 -8.15
N LEU A 301 11.84 -9.40 -8.93
CA LEU A 301 11.14 -10.50 -9.59
C LEU A 301 12.09 -11.23 -10.53
N LEU A 302 12.79 -10.45 -11.36
CA LEU A 302 13.75 -11.00 -12.30
C LEU A 302 14.85 -11.79 -11.58
N THR A 303 15.49 -11.15 -10.60
CA THR A 303 16.68 -11.72 -9.97
C THR A 303 16.39 -12.93 -9.09
N LEU A 304 15.33 -12.87 -8.29
CA LEU A 304 14.96 -14.02 -7.46
C LEU A 304 14.39 -15.21 -8.27
N THR A 305 13.71 -14.93 -9.38
CA THR A 305 13.20 -16.02 -10.21
C THR A 305 14.38 -16.74 -10.87
N ILE A 306 15.41 -15.99 -11.25
CA ILE A 306 16.64 -16.60 -11.77
C ILE A 306 17.28 -17.46 -10.70
N CYS A 307 17.37 -16.90 -9.49
CA CYS A 307 17.98 -17.56 -8.35
C CYS A 307 17.37 -18.92 -8.05
N TYR A 308 16.04 -18.97 -8.02
CA TYR A 308 15.35 -20.20 -7.63
C TYR A 308 15.12 -21.13 -8.80
N THR A 309 15.21 -20.63 -10.03
CA THR A 309 15.28 -21.52 -11.18
C THR A 309 16.56 -22.38 -11.08
N PHE A 310 17.69 -21.71 -10.84
CA PHE A 310 18.95 -22.40 -10.59
C PHE A 310 18.82 -23.43 -9.46
N ILE A 311 18.26 -23.01 -8.33
CA ILE A 311 18.19 -23.86 -7.14
C ILE A 311 17.23 -25.04 -7.30
N LEU A 312 16.05 -24.79 -7.87
CA LEU A 312 15.03 -25.82 -7.99
C LEU A 312 15.39 -26.89 -9.02
N LEU A 313 15.96 -26.46 -10.14
CA LEU A 313 16.36 -27.41 -11.17
C LEU A 313 17.52 -28.26 -10.66
N ARG A 314 18.39 -27.67 -9.84
CA ARG A 314 19.46 -28.43 -9.23
C ARG A 314 18.88 -29.49 -8.29
N THR A 315 17.96 -29.05 -7.43
CA THR A 315 17.31 -29.95 -6.46
C THR A 315 16.50 -31.05 -7.14
N TRP A 316 15.74 -30.70 -8.17
CA TRP A 316 14.86 -31.65 -8.85
C TRP A 316 15.59 -32.64 -9.75
N SER A 317 16.84 -32.36 -10.06
CA SER A 317 17.62 -33.26 -10.90
C SER A 317 18.44 -34.23 -10.06
N ARG A 318 18.40 -34.03 -8.76
CA ARG A 318 19.17 -34.86 -7.83
C ARG A 318 18.26 -35.58 -6.82
N ARG A 319 18.83 -36.54 -6.12
CA ARG A 319 18.06 -37.39 -5.21
C ARG A 319 18.20 -36.97 -3.76
N SER A 323 16.94 -30.95 2.33
CA SER A 323 16.97 -29.56 2.82
C SER A 323 15.73 -28.80 2.39
N THR A 324 14.84 -29.48 1.65
CA THR A 324 13.71 -28.82 1.00
C THR A 324 12.78 -28.09 1.96
N LYS A 325 12.76 -28.50 3.23
CA LYS A 325 11.86 -27.90 4.22
C LYS A 325 12.00 -26.38 4.30
N THR A 326 13.19 -25.90 4.67
CA THR A 326 13.44 -24.47 4.74
C THR A 326 13.30 -23.83 3.35
N LEU A 327 13.84 -24.51 2.34
CA LEU A 327 13.75 -24.04 0.96
C LEU A 327 12.31 -23.83 0.50
N LYS A 328 11.44 -24.78 0.85
CA LYS A 328 10.04 -24.69 0.46
C LYS A 328 9.35 -23.53 1.15
N VAL A 329 9.76 -23.24 2.39
CA VAL A 329 9.22 -22.14 3.16
C VAL A 329 9.61 -20.80 2.55
N VAL A 330 10.88 -20.66 2.21
CA VAL A 330 11.41 -19.41 1.68
C VAL A 330 10.80 -19.11 0.31
N VAL A 331 10.70 -20.13 -0.54
CA VAL A 331 10.06 -19.96 -1.85
C VAL A 331 8.64 -19.42 -1.68
N ALA A 332 7.89 -20.02 -0.75
CA ALA A 332 6.54 -19.57 -0.45
C ALA A 332 6.50 -18.10 -0.03
N VAL A 333 7.44 -17.69 0.82
CA VAL A 333 7.48 -16.31 1.31
C VAL A 333 7.82 -15.36 0.17
N VAL A 334 8.79 -15.75 -0.65
CA VAL A 334 9.15 -14.99 -1.84
C VAL A 334 7.95 -14.84 -2.78
N ALA A 335 7.29 -15.96 -3.09
CA ALA A 335 6.12 -15.95 -3.94
C ALA A 335 5.04 -15.01 -3.41
N SER A 336 4.74 -15.12 -2.11
CA SER A 336 3.71 -14.29 -1.50
C SER A 336 4.03 -12.79 -1.56
N PHE A 337 5.30 -12.43 -1.62
CA PHE A 337 5.68 -11.01 -1.71
C PHE A 337 5.14 -10.41 -3.01
N PHE A 338 5.38 -11.08 -4.13
CA PHE A 338 4.95 -10.56 -5.42
C PHE A 338 3.43 -10.68 -5.63
N ILE A 339 2.83 -11.72 -5.07
CA ILE A 339 1.37 -11.88 -5.17
C ILE A 339 0.63 -10.70 -4.53
N PHE A 340 1.07 -10.30 -3.34
CA PHE A 340 0.34 -9.30 -2.58
C PHE A 340 0.74 -7.86 -2.89
N TRP A 341 1.86 -7.65 -3.59
CA TRP A 341 2.26 -6.29 -3.98
C TRP A 341 1.80 -5.91 -5.39
N LEU A 342 1.47 -6.93 -6.19
CA LEU A 342 1.13 -6.71 -7.60
C LEU A 342 0.01 -5.67 -7.82
N PRO A 343 -1.13 -5.80 -7.11
CA PRO A 343 -2.17 -4.79 -7.36
C PRO A 343 -1.71 -3.38 -7.02
N TYR A 344 -0.96 -3.25 -5.92
CA TYR A 344 -0.40 -1.96 -5.55
C TYR A 344 0.42 -1.41 -6.71
N GLN A 345 1.31 -2.23 -7.23
CA GLN A 345 2.22 -1.80 -8.30
C GLN A 345 1.48 -1.46 -9.60
N VAL A 346 0.49 -2.27 -9.98
CA VAL A 346 -0.28 -2.02 -11.19
C VAL A 346 -1.07 -0.72 -11.13
N THR A 347 -1.78 -0.50 -10.03
CA THR A 347 -2.58 0.71 -9.89
C THR A 347 -1.70 1.94 -9.74
N GLY A 348 -0.56 1.76 -9.08
CA GLY A 348 0.39 2.83 -8.90
C GLY A 348 0.89 3.38 -10.22
N ILE A 349 1.34 2.48 -11.09
CA ILE A 349 1.89 2.87 -12.38
C ILE A 349 0.82 3.49 -13.27
N MET A 350 -0.39 2.94 -13.23
CA MET A 350 -1.51 3.42 -14.03
C MET A 350 -1.88 4.86 -13.68
N MET A 351 -2.05 5.12 -12.40
CA MET A 351 -2.42 6.45 -11.92
C MET A 351 -1.40 7.50 -12.33
N SER A 352 -0.11 7.17 -12.30
CA SER A 352 0.93 8.13 -12.64
C SER A 352 0.86 8.53 -14.11
N PHE A 353 0.40 7.61 -14.95
CA PHE A 353 0.31 7.87 -16.39
C PHE A 353 -1.05 8.44 -16.80
N LEU A 354 -1.91 8.67 -15.83
CA LEU A 354 -3.25 9.22 -16.09
C LEU A 354 -3.37 10.66 -15.60
N GLU A 355 -4.21 11.44 -16.28
CA GLU A 355 -4.56 12.77 -15.80
C GLU A 355 -5.46 12.64 -14.58
N PRO A 356 -5.23 13.49 -13.57
CA PRO A 356 -6.01 13.46 -12.32
C PRO A 356 -7.49 13.78 -12.50
N SER A 357 -7.88 14.33 -13.65
CA SER A 357 -9.28 14.60 -13.94
C SER A 357 -9.95 13.48 -14.72
N SER A 358 -9.20 12.42 -15.02
CA SER A 358 -9.73 11.31 -15.81
C SER A 358 -10.53 10.34 -14.93
N PRO A 359 -11.60 9.77 -15.50
CA PRO A 359 -12.46 8.80 -14.82
C PRO A 359 -11.71 7.57 -14.31
N THR A 360 -10.70 7.12 -15.04
CA THR A 360 -9.95 5.94 -14.62
C THR A 360 -9.08 6.29 -13.42
N PHE A 361 -8.53 7.50 -13.39
CA PHE A 361 -7.72 7.94 -12.27
C PHE A 361 -8.56 8.03 -11.00
N LEU A 362 -9.73 8.66 -11.13
CA LEU A 362 -10.65 8.80 -10.00
C LEU A 362 -11.05 7.43 -9.45
N LEU A 363 -11.26 6.46 -10.33
CA LEU A 363 -11.63 5.12 -9.90
C LEU A 363 -10.48 4.43 -9.16
N LEU A 364 -9.27 4.54 -9.71
CA LEU A 364 -8.11 3.94 -9.08
C LEU A 364 -7.81 4.58 -7.72
N LYS A 365 -8.00 5.89 -7.63
CA LYS A 365 -7.82 6.61 -6.37
C LYS A 365 -8.65 6.02 -5.23
N LYS A 366 -9.91 5.69 -5.54
CA LYS A 366 -10.82 5.14 -4.55
C LYS A 366 -10.37 3.75 -4.08
N LEU A 367 -9.53 3.11 -4.89
CA LEU A 367 -9.08 1.75 -4.62
C LEU A 367 -7.74 1.71 -3.87
N ASP A 368 -7.16 2.89 -3.63
CA ASP A 368 -5.81 2.99 -3.07
C ASP A 368 -5.66 2.26 -1.74
N SER A 369 -6.58 2.53 -0.82
CA SER A 369 -6.52 1.91 0.51
C SER A 369 -6.65 0.39 0.42
N LEU A 370 -7.56 -0.09 -0.43
CA LEU A 370 -7.74 -1.52 -0.65
C LEU A 370 -6.46 -2.18 -1.15
N CYS A 371 -5.82 -1.56 -2.13
CA CYS A 371 -4.59 -2.07 -2.71
C CYS A 371 -3.45 -2.15 -1.68
N VAL A 372 -3.34 -1.14 -0.82
CA VAL A 372 -2.35 -1.16 0.25
C VAL A 372 -2.69 -2.23 1.30
N SER A 373 -3.98 -2.39 1.59
CA SER A 373 -4.42 -3.41 2.54
C SER A 373 -4.04 -4.80 2.03
N PHE A 374 -4.16 -4.99 0.72
CA PHE A 374 -3.79 -6.26 0.11
C PHE A 374 -2.29 -6.47 0.23
N ALA A 375 -1.52 -5.41 0.03
CA ALA A 375 -0.08 -5.47 0.21
C ALA A 375 0.27 -5.78 1.66
N TYR A 376 -0.54 -5.27 2.58
CA TYR A 376 -0.27 -5.45 4.00
C TYR A 376 -0.38 -6.91 4.44
N ILE A 377 -0.97 -7.76 3.59
CA ILE A 377 -1.09 -9.18 3.89
C ILE A 377 0.29 -9.84 3.98
N ASN A 378 1.28 -9.24 3.33
CA ASN A 378 2.68 -9.65 3.51
C ASN A 378 3.14 -9.63 4.96
N CYS A 379 2.52 -8.80 5.79
CA CYS A 379 2.97 -8.62 7.16
C CYS A 379 2.28 -9.59 8.14
N CYS A 380 1.51 -10.53 7.61
CA CYS A 380 0.93 -11.58 8.44
C CYS A 380 1.02 -12.97 7.80
N ILE A 381 1.42 -13.01 6.53
CA ILE A 381 1.40 -14.27 5.78
C ILE A 381 2.51 -15.25 6.17
N ASN A 382 3.66 -14.75 6.61
CA ASN A 382 4.78 -15.63 6.97
C ASN A 382 4.42 -16.65 8.06
N PRO A 383 3.90 -16.19 9.22
CA PRO A 383 3.53 -17.20 10.23
C PRO A 383 2.50 -18.21 9.74
N ILE A 384 1.56 -17.79 8.88
CA ILE A 384 0.62 -18.73 8.28
C ILE A 384 1.35 -19.79 7.46
N ILE A 385 2.28 -19.34 6.63
CA ILE A 385 3.10 -20.22 5.83
C ILE A 385 3.90 -21.20 6.71
N TYR A 386 4.47 -20.69 7.80
CA TYR A 386 5.31 -21.49 8.68
C TYR A 386 4.49 -22.60 9.36
N VAL A 387 3.27 -22.25 9.77
CA VAL A 387 2.41 -23.21 10.45
C VAL A 387 1.92 -24.28 9.48
N VAL A 388 1.54 -23.89 8.26
CA VAL A 388 1.12 -24.86 7.26
C VAL A 388 2.28 -25.81 6.90
N ALA A 389 3.46 -25.24 6.65
CA ALA A 389 4.65 -26.04 6.36
C ALA A 389 5.00 -26.93 7.54
N GLY A 390 4.73 -26.44 8.73
CA GLY A 390 4.94 -27.21 9.95
C GLY A 390 4.01 -28.39 10.07
N GLN A 391 2.76 -28.21 9.62
CA GLN A 391 1.76 -29.29 9.68
C GLN A 391 2.22 -30.53 8.91
N GLY A 392 3.00 -30.31 7.85
CA GLY A 392 3.50 -31.40 7.04
C GLY A 392 4.77 -32.02 7.59
N PHE A 393 5.04 -31.78 8.86
CA PHE A 393 6.21 -32.36 9.52
C PHE A 393 5.80 -33.52 10.43
N LYS A 399 4.59 -30.63 17.85
CA LYS A 399 3.60 -30.62 18.92
C LYS A 399 2.92 -29.25 19.04
N SER A 400 3.33 -28.48 20.03
CA SER A 400 2.75 -27.15 20.24
C SER A 400 3.11 -26.19 19.11
N LEU A 401 2.51 -25.00 19.15
CA LEU A 401 2.75 -23.99 18.13
C LEU A 401 4.18 -23.43 18.14
N PRO A 402 4.71 -23.06 19.33
CA PRO A 402 6.10 -22.56 19.28
C PRO A 402 7.10 -23.67 18.94
N SER A 403 6.82 -24.89 19.39
CA SER A 403 7.69 -26.01 19.11
C SER A 403 7.67 -26.37 17.62
N LEU A 404 6.54 -26.12 16.97
CA LEU A 404 6.40 -26.40 15.55
C LEU A 404 7.18 -25.39 14.72
N LEU A 405 7.15 -24.13 15.16
CA LEU A 405 7.89 -23.07 14.49
C LEU A 405 9.39 -23.29 14.63
N ARG A 406 9.82 -23.77 15.80
CA ARG A 406 11.22 -24.07 16.06
C ARG A 406 11.78 -25.07 15.05
N ASN A 407 11.02 -26.12 14.77
CA ASN A 407 11.46 -27.15 13.84
C ASN A 407 11.59 -26.63 12.42
N VAL A 408 10.71 -25.71 12.05
CA VAL A 408 10.65 -25.17 10.70
C VAL A 408 11.68 -24.07 10.46
N LEU A 409 11.88 -23.23 11.47
CA LEU A 409 12.63 -21.99 11.29
C LEU A 409 14.08 -22.04 11.77
N THR A 410 14.42 -23.04 12.58
CA THR A 410 15.75 -23.09 13.18
C THR A 410 16.52 -24.37 12.85
N GLU A 411 16.23 -24.96 11.70
CA GLU A 411 17.00 -26.12 11.24
C GLU A 411 18.36 -25.65 10.76
N GLU A 412 19.36 -26.50 10.89
CA GLU A 412 20.72 -26.15 10.47
C GLU A 412 21.06 -26.88 9.17
N SER A 413 21.83 -26.22 8.30
CA SER A 413 22.22 -26.83 7.03
C SER A 413 23.59 -27.49 7.11
N PHE B 2 -2.07 17.03 -4.64
CA PHE B 2 -2.22 16.39 -3.34
C PHE B 2 -3.16 15.20 -3.45
N PRO B 4 -4.71 12.10 -0.64
CA PRO B 4 -4.74 11.42 0.66
C PRO B 4 -4.29 9.96 0.58
N TRP B 6 -1.88 6.96 0.10
CA TRP B 6 -0.60 6.56 -0.48
C TRP B 6 -0.42 7.02 -1.92
N ARG B 7 -1.49 6.97 -2.71
CA ARG B 7 -1.43 7.46 -4.08
C ARG B 7 -2.69 8.26 -4.43
#